data_7BC7
#
_entry.id   7BC7
#
_cell.length_a   1.00
_cell.length_b   1.00
_cell.length_c   1.00
_cell.angle_alpha   90.00
_cell.angle_beta   90.00
_cell.angle_gamma   90.00
#
_symmetry.space_group_name_H-M   'P 1'
#
loop_
_entity.id
_entity.type
_entity.pdbx_description
1 polymer 'Proton-coupled folate transporter'
2 polymer nanobody
3 non-polymer '2-{4-[2-(2-AMINO-4-OXO-4,7-DIHYDRO-3H-PYRROLO[2,3-D]PYRIMIDIN-5-YL)-ETHYL]-BENZOYLAMINO}-PENTANEDIOIC ACID'
#
loop_
_entity_poly.entity_id
_entity_poly.type
_entity_poly.pdbx_seq_one_letter_code
_entity_poly.pdbx_strand_id
1 'polypeptide(L)'
;MAAPSDPPTAATPPAPPPPARRCLPAPSVEPLLFLATLALGLQVPLATQYLWDRLGAERGYVGPNASSPHGCGNGSGAVD
PLREEVEALVAHWNLCINLGGFFVGLFSVTLFGPWSDSVGRRPVLVLPAVGMAVQAAVYLLVMYLRLHVAYLLLGRIISG
LLGDYNLILAGCFASVADSSNQRTRTFRVAILEACLGVAGMVASVGGGQWRKAEGYINPFWLVLAASLAAALYAALCLQE
TVKQRRAAKLLTLQHYKAVYKLYTAPEDLSSRRKLALYSLAFFLLVTVHFGTKDLYVLYELGSPLCWASDLIGYGSAASY
LAYLSSLGGLRLLQLCLEDTWVAEIGLISNIAGLVVISLATTTPLMFTGYGIMFLSMAATPVIRAKLSKLVSETEQGALF
ASVACVEGLCSLVATGVFNSLYPSTLHFMRGFPFLFGAILLLIPAAIMGWIEIQDSNLQYSHFSDASSSPADGGENLYFQ
;
A
2 'polypeptide(L)'
;GPSQVQLVESGGGLVQPGGSLRLSCAASGFTFSRYWMYWVRQAPGKGPEWLSHMNPSGSDIKYTDSVKGRFTISRDNAKN
TLYLQMNSLKPDDTAVYYCVADRRALGSPEYWGQGTQVTVSSA
;
B
#
loop_
_chem_comp.id
_chem_comp.type
_chem_comp.name
_chem_comp.formula
LYA non-polymer '2-{4-[2-(2-AMINO-4-OXO-4,7-DIHYDRO-3H-PYRROLO[2,3-D]PYRIMIDIN-5-YL)-ETHYL]-BENZOYLAMINO}-PENTANEDIOIC ACID' 'C20 H21 N5 O6'
#
# COMPACT_ATOMS: atom_id res chain seq x y z
N ALA A 26 -17.26 15.35 -20.83
CA ALA A 26 -16.90 15.65 -22.20
C ALA A 26 -15.40 15.43 -22.54
N PRO A 27 -14.46 15.90 -21.70
CA PRO A 27 -13.06 15.86 -22.12
C PRO A 27 -12.46 14.48 -22.35
N SER A 28 -12.36 13.63 -21.34
CA SER A 28 -11.56 12.40 -21.48
C SER A 28 -11.70 11.56 -20.21
N VAL A 29 -10.91 10.48 -20.16
CA VAL A 29 -11.03 9.47 -19.11
C VAL A 29 -9.88 9.54 -18.12
N GLU A 30 -8.83 10.31 -18.38
CA GLU A 30 -7.70 10.36 -17.47
C GLU A 30 -8.05 10.82 -16.06
N PRO A 31 -8.88 11.85 -15.85
CA PRO A 31 -9.23 12.20 -14.47
C PRO A 31 -9.89 11.08 -13.68
N LEU A 32 -10.66 10.20 -14.32
CA LEU A 32 -11.28 9.11 -13.58
C LEU A 32 -10.26 8.26 -12.87
N LEU A 33 -9.17 7.90 -13.56
CA LEU A 33 -8.19 7.05 -12.90
C LEU A 33 -7.47 7.80 -11.79
N PHE A 34 -7.23 9.09 -11.97
CA PHE A 34 -6.65 9.89 -10.91
C PHE A 34 -7.50 9.82 -9.65
N LEU A 35 -8.81 10.10 -9.80
CA LEU A 35 -9.70 10.11 -8.64
C LEU A 35 -9.88 8.72 -8.05
N ALA A 36 -9.86 7.68 -8.88
CA ALA A 36 -10.06 6.33 -8.36
C ALA A 36 -8.84 5.80 -7.66
N THR A 37 -7.64 6.11 -8.16
CA THR A 37 -6.42 5.70 -7.48
C THR A 37 -6.18 6.49 -6.21
N LEU A 38 -6.60 7.75 -6.20
CA LEU A 38 -6.55 8.51 -4.95
C LEU A 38 -7.34 7.80 -3.86
N ALA A 39 -8.44 7.15 -4.23
CA ALA A 39 -9.24 6.42 -3.27
C ALA A 39 -8.45 5.26 -2.67
N LEU A 40 -7.82 4.44 -3.50
CA LEU A 40 -7.01 3.33 -2.96
C LEU A 40 -5.88 3.85 -2.09
N GLY A 41 -5.15 4.84 -2.59
CA GLY A 41 -4.01 5.34 -1.85
C GLY A 41 -4.40 5.88 -0.50
N LEU A 42 -5.53 6.58 -0.41
CA LEU A 42 -5.99 7.09 0.87
C LEU A 42 -6.76 6.06 1.67
N GLN A 43 -7.09 4.92 1.08
CA GLN A 43 -7.96 3.98 1.76
C GLN A 43 -7.19 2.86 2.45
N VAL A 44 -6.22 2.28 1.75
CA VAL A 44 -5.54 1.09 2.29
C VAL A 44 -4.84 1.38 3.61
N PRO A 45 -3.97 2.41 3.72
CA PRO A 45 -3.38 2.69 5.03
C PRO A 45 -4.39 3.03 6.10
N LEU A 46 -5.44 3.77 5.77
CA LEU A 46 -6.44 4.09 6.78
C LEU A 46 -7.18 2.84 7.22
N ALA A 47 -7.52 1.96 6.29
CA ALA A 47 -8.22 0.74 6.64
C ALA A 47 -7.36 -0.12 7.56
N THR A 48 -6.09 -0.29 7.22
CA THR A 48 -5.26 -1.13 8.07
C THR A 48 -4.96 -0.46 9.40
N GLN A 49 -4.93 0.88 9.44
CA GLN A 49 -4.76 1.55 10.71
C GLN A 49 -5.97 1.33 11.61
N TYR A 50 -7.18 1.39 11.06
CA TYR A 50 -8.34 1.06 11.89
C TYR A 50 -8.30 -0.39 12.34
N LEU A 51 -7.85 -1.28 11.46
CA LEU A 51 -7.73 -2.68 11.87
C LEU A 51 -6.82 -2.79 13.07
N TRP A 52 -5.67 -2.11 13.02
CA TRP A 52 -4.76 -2.10 14.15
C TRP A 52 -5.47 -1.60 15.40
N ASP A 53 -6.17 -0.47 15.29
CA ASP A 53 -6.80 0.13 16.46
C ASP A 53 -7.80 -0.82 17.10
N ARG A 54 -8.73 -1.33 16.31
CA ARG A 54 -9.81 -2.14 16.87
C ARG A 54 -9.27 -3.47 17.38
N LEU A 55 -8.45 -4.15 16.59
CA LEU A 55 -7.95 -5.44 17.01
C LEU A 55 -7.07 -5.32 18.24
N GLY A 56 -6.22 -4.29 18.31
CA GLY A 56 -5.40 -4.12 19.49
C GLY A 56 -6.22 -3.81 20.72
N ALA A 57 -7.09 -2.81 20.64
CA ALA A 57 -7.87 -2.43 21.81
C ALA A 57 -8.73 -3.59 22.29
N GLU A 58 -9.19 -4.44 21.37
CA GLU A 58 -10.01 -5.57 21.76
C GLU A 58 -9.23 -6.57 22.62
N ARG A 59 -7.92 -6.64 22.44
CA ARG A 59 -7.07 -7.59 23.14
C ARG A 59 -6.28 -6.96 24.27
N GLY A 60 -6.65 -5.76 24.70
CA GLY A 60 -5.97 -5.10 25.79
C GLY A 60 -4.53 -4.75 25.53
N TYR A 61 -4.22 -4.28 24.32
CA TYR A 61 -2.87 -3.91 23.93
C TYR A 61 -2.84 -2.43 23.61
N VAL A 62 -2.17 -1.64 24.45
CA VAL A 62 -2.06 -0.21 24.21
C VAL A 62 -0.61 0.13 23.88
N GLY A 63 -0.27 0.07 22.60
CA GLY A 63 1.08 0.28 22.16
C GLY A 63 1.07 0.84 20.76
N PRO A 64 2.24 0.94 20.14
CA PRO A 64 2.31 1.48 18.79
C PRO A 64 1.55 0.60 17.82
N ASN A 65 0.96 1.24 16.82
CA ASN A 65 0.18 0.54 15.81
C ASN A 65 0.99 0.28 14.55
N ALA A 66 2.25 -0.03 14.69
CA ALA A 66 3.07 -0.49 13.58
C ALA A 66 3.49 -1.93 13.84
N SER A 67 4.26 -2.48 12.92
CA SER A 67 4.87 -3.77 13.16
C SER A 67 5.98 -3.63 14.19
N SER A 68 6.64 -4.73 14.48
CA SER A 68 7.78 -4.66 15.38
C SER A 68 8.87 -3.81 14.74
N PRO A 69 9.59 -3.02 15.52
CA PRO A 69 10.60 -2.15 14.92
C PRO A 69 11.91 -2.89 14.69
N HIS A 70 12.94 -2.17 14.29
CA HIS A 70 14.24 -2.79 14.05
C HIS A 70 15.33 -1.77 14.32
N GLY A 71 16.24 -2.11 15.23
CA GLY A 71 17.48 -1.38 15.38
C GLY A 71 17.33 0.07 15.81
N CYS A 72 18.49 0.69 16.03
CA CYS A 72 18.61 2.08 16.48
C CYS A 72 18.06 2.25 17.89
N GLY A 73 18.56 1.42 18.81
CA GLY A 73 18.21 1.52 20.21
C GLY A 73 16.76 1.29 20.54
N ASN A 74 15.99 0.71 19.62
CA ASN A 74 14.57 0.48 19.84
C ASN A 74 14.40 -0.80 20.64
N GLY A 75 14.62 -0.68 21.94
CA GLY A 75 14.22 -1.69 22.91
C GLY A 75 15.41 -2.53 23.37
N SER A 76 15.22 -3.84 23.34
CA SER A 76 16.28 -4.78 23.70
C SER A 76 16.39 -5.94 22.71
N GLY A 77 15.45 -6.08 21.77
CA GLY A 77 15.41 -7.21 20.88
C GLY A 77 14.49 -8.32 21.32
N ALA A 78 14.07 -8.32 22.58
CA ALA A 78 13.17 -9.36 23.07
C ALA A 78 11.84 -9.26 22.33
N VAL A 79 11.26 -10.42 22.02
CA VAL A 79 10.01 -10.44 21.29
C VAL A 79 8.90 -9.84 22.13
N ASP A 80 8.00 -9.12 21.49
CA ASP A 80 6.83 -8.57 22.14
C ASP A 80 5.67 -9.51 21.86
N PRO A 81 5.41 -10.48 22.74
CA PRO A 81 4.43 -11.52 22.39
C PRO A 81 3.05 -10.99 22.06
N LEU A 82 2.58 -9.96 22.75
CA LEU A 82 1.26 -9.40 22.46
C LEU A 82 1.28 -8.53 21.22
N ARG A 83 2.33 -7.75 21.02
CA ARG A 83 2.40 -6.93 19.83
C ARG A 83 2.49 -7.80 18.58
N GLU A 84 3.25 -8.89 18.66
CA GLU A 84 3.32 -9.82 17.53
C GLU A 84 1.98 -10.48 17.29
N GLU A 85 1.26 -10.83 18.35
CA GLU A 85 -0.06 -11.43 18.19
C GLU A 85 -1.01 -10.47 17.48
N VAL A 86 -1.02 -9.20 17.89
CA VAL A 86 -1.91 -8.24 17.26
C VAL A 86 -1.50 -7.99 15.82
N GLU A 87 -0.19 -7.97 15.56
CA GLU A 87 0.28 -7.79 14.19
C GLU A 87 -0.16 -8.95 13.31
N ALA A 88 -0.05 -10.17 13.82
CA ALA A 88 -0.46 -11.33 13.05
C ALA A 88 -1.96 -11.31 12.80
N LEU A 89 -2.74 -10.92 13.81
CA LEU A 89 -4.18 -10.82 13.62
C LEU A 89 -4.54 -9.78 12.57
N VAL A 90 -3.85 -8.64 12.59
CA VAL A 90 -4.12 -7.61 11.61
C VAL A 90 -3.78 -8.10 10.21
N ALA A 91 -2.65 -8.77 10.06
CA ALA A 91 -2.28 -9.31 8.76
C ALA A 91 -3.29 -10.34 8.29
N HIS A 92 -3.76 -11.18 9.20
CA HIS A 92 -4.75 -12.20 8.85
C HIS A 92 -6.05 -11.56 8.40
N TRP A 93 -6.48 -10.49 9.05
CA TRP A 93 -7.72 -9.85 8.65
C TRP A 93 -7.58 -9.12 7.33
N ASN A 94 -6.42 -8.48 7.10
CA ASN A 94 -6.19 -7.88 5.80
C ASN A 94 -6.21 -8.94 4.71
N LEU A 95 -5.60 -10.10 4.98
CA LEU A 95 -5.65 -11.20 4.05
C LEU A 95 -7.07 -11.61 3.77
N CYS A 96 -7.90 -11.73 4.81
CA CYS A 96 -9.27 -12.18 4.62
C CYS A 96 -10.05 -11.20 3.75
N ILE A 97 -9.98 -9.91 4.05
CA ILE A 97 -10.79 -8.97 3.28
C ILE A 97 -10.26 -8.85 1.87
N ASN A 98 -8.94 -8.87 1.69
CA ASN A 98 -8.38 -8.78 0.35
C ASN A 98 -8.74 -10.00 -0.49
N LEU A 99 -8.70 -11.19 0.10
CA LEU A 99 -9.04 -12.40 -0.62
C LEU A 99 -10.51 -12.43 -1.01
N GLY A 100 -11.39 -12.08 -0.08
CA GLY A 100 -12.80 -12.04 -0.42
C GLY A 100 -13.08 -11.03 -1.52
N GLY A 101 -12.48 -9.85 -1.41
CA GLY A 101 -12.62 -8.86 -2.45
C GLY A 101 -12.10 -9.35 -3.79
N PHE A 102 -10.99 -10.09 -3.77
CA PHE A 102 -10.43 -10.55 -5.03
C PHE A 102 -11.33 -11.58 -5.69
N PHE A 103 -11.92 -12.49 -4.92
CA PHE A 103 -12.84 -13.45 -5.55
C PHE A 103 -14.09 -12.79 -6.10
N VAL A 104 -14.70 -11.88 -5.34
CA VAL A 104 -15.89 -11.25 -5.88
C VAL A 104 -15.54 -10.41 -7.11
N GLY A 105 -14.38 -9.75 -7.09
CA GLY A 105 -13.95 -9.00 -8.26
C GLY A 105 -13.63 -9.90 -9.44
N LEU A 106 -13.06 -11.07 -9.17
CA LEU A 106 -12.77 -12.02 -10.23
C LEU A 106 -14.04 -12.46 -10.92
N PHE A 107 -15.09 -12.71 -10.15
CA PHE A 107 -16.34 -13.15 -10.78
C PHE A 107 -17.13 -12.00 -11.36
N SER A 108 -16.84 -10.76 -10.99
CA SER A 108 -17.62 -9.62 -11.47
C SER A 108 -17.00 -8.88 -12.65
N VAL A 109 -15.69 -8.61 -12.63
CA VAL A 109 -15.10 -7.84 -13.71
C VAL A 109 -15.11 -8.64 -15.01
N THR A 110 -14.92 -9.95 -14.94
CA THR A 110 -14.97 -10.75 -16.16
C THR A 110 -16.35 -10.79 -16.78
N LEU A 111 -17.38 -10.39 -16.06
CA LEU A 111 -18.72 -10.28 -16.60
C LEU A 111 -19.08 -8.84 -16.97
N PHE A 112 -18.45 -7.87 -16.34
CA PHE A 112 -18.75 -6.48 -16.62
C PHE A 112 -17.85 -5.86 -17.67
N GLY A 113 -16.77 -6.52 -18.07
CA GLY A 113 -15.88 -5.99 -19.07
C GLY A 113 -16.31 -6.32 -20.49
N PRO A 114 -16.43 -7.61 -20.77
CA PRO A 114 -16.91 -8.02 -22.10
C PRO A 114 -18.23 -7.38 -22.45
N TRP A 115 -19.09 -7.15 -21.46
CA TRP A 115 -20.32 -6.43 -21.72
C TRP A 115 -20.03 -4.99 -22.03
N SER A 116 -19.05 -4.39 -21.35
CA SER A 116 -18.72 -2.99 -21.59
C SER A 116 -18.34 -2.77 -23.04
N ASP A 117 -17.55 -3.67 -23.59
CA ASP A 117 -17.26 -3.37 -24.99
C ASP A 117 -18.44 -3.58 -25.92
N SER A 118 -19.62 -3.87 -25.38
CA SER A 118 -20.82 -4.06 -26.19
C SER A 118 -21.93 -3.08 -25.89
N VAL A 119 -21.86 -2.33 -24.80
CA VAL A 119 -22.86 -1.32 -24.51
C VAL A 119 -22.25 0.06 -24.31
N GLY A 120 -20.95 0.18 -24.11
CA GLY A 120 -20.31 1.47 -23.92
C GLY A 120 -19.42 1.42 -22.69
N ARG A 121 -18.37 2.23 -22.68
CA ARG A 121 -17.49 2.22 -21.52
C ARG A 121 -18.06 3.02 -20.37
N ARG A 122 -19.00 3.92 -20.65
CA ARG A 122 -19.47 4.81 -19.58
C ARG A 122 -20.22 4.07 -18.48
N PRO A 123 -21.24 3.24 -18.76
CA PRO A 123 -21.91 2.56 -17.65
C PRO A 123 -20.98 1.73 -16.81
N VAL A 124 -20.04 1.05 -17.43
CA VAL A 124 -19.11 0.18 -16.71
C VAL A 124 -18.04 0.98 -16.00
N LEU A 125 -17.99 2.30 -16.20
CA LEU A 125 -17.20 3.16 -15.36
C LEU A 125 -18.02 3.87 -14.30
N VAL A 126 -19.31 4.08 -14.55
CA VAL A 126 -20.17 4.66 -13.53
C VAL A 126 -20.37 3.67 -12.40
N LEU A 127 -20.61 2.40 -12.73
CA LEU A 127 -20.94 1.41 -11.71
C LEU A 127 -19.83 1.23 -10.66
N PRO A 128 -18.57 1.02 -11.03
CA PRO A 128 -17.56 0.79 -9.99
C PRO A 128 -17.27 2.02 -9.16
N ALA A 129 -17.38 3.22 -9.72
CA ALA A 129 -17.23 4.41 -8.90
C ALA A 129 -18.32 4.48 -7.85
N VAL A 130 -19.54 4.12 -8.23
CA VAL A 130 -20.63 4.06 -7.27
C VAL A 130 -20.34 3.02 -6.21
N GLY A 131 -19.83 1.87 -6.62
CA GLY A 131 -19.48 0.84 -5.65
C GLY A 131 -18.41 1.29 -4.68
N MET A 132 -17.43 2.04 -5.18
CA MET A 132 -16.37 2.54 -4.31
C MET A 132 -16.89 3.61 -3.36
N ALA A 133 -17.80 4.45 -3.82
CA ALA A 133 -18.42 5.41 -2.92
C ALA A 133 -19.20 4.70 -1.82
N VAL A 134 -19.93 3.64 -2.19
CA VAL A 134 -20.67 2.88 -1.18
C VAL A 134 -19.70 2.21 -0.20
N GLN A 135 -18.60 1.68 -0.71
CA GLN A 135 -17.61 1.05 0.17
C GLN A 135 -17.00 2.05 1.13
N ALA A 136 -16.67 3.24 0.64
CA ALA A 136 -16.13 4.27 1.52
C ALA A 136 -17.16 4.69 2.56
N ALA A 137 -18.43 4.78 2.18
CA ALA A 137 -19.46 5.11 3.15
C ALA A 137 -19.59 4.03 4.21
N VAL A 138 -19.53 2.77 3.81
CA VAL A 138 -19.60 1.69 4.79
C VAL A 138 -18.41 1.74 5.73
N TYR A 139 -17.22 1.98 5.18
CA TYR A 139 -16.03 2.08 6.03
C TYR A 139 -16.16 3.21 7.02
N LEU A 140 -16.64 4.37 6.57
CA LEU A 140 -16.83 5.49 7.47
C LEU A 140 -17.80 5.11 8.58
N LEU A 141 -18.91 4.49 8.22
CA LEU A 141 -19.87 4.14 9.24
C LEU A 141 -19.30 3.17 10.24
N VAL A 142 -18.40 2.30 9.80
CA VAL A 142 -17.78 1.36 10.74
C VAL A 142 -16.82 2.08 11.67
N MET A 143 -16.02 3.01 11.15
CA MET A 143 -15.08 3.73 12.01
C MET A 143 -15.81 4.61 13.02
N TYR A 144 -16.73 5.47 12.57
CA TYR A 144 -17.41 6.33 13.53
C TYR A 144 -18.17 5.57 14.60
N LEU A 145 -18.60 4.35 14.33
CA LEU A 145 -19.32 3.63 15.37
C LEU A 145 -18.44 2.63 16.09
N ARG A 146 -17.17 2.54 15.74
CA ARG A 146 -16.24 1.59 16.35
C ARG A 146 -16.81 0.17 16.29
N LEU A 147 -17.38 -0.16 15.14
CA LEU A 147 -18.04 -1.45 14.95
C LEU A 147 -17.01 -2.57 14.84
N HIS A 148 -17.51 -3.79 14.69
CA HIS A 148 -16.66 -4.94 14.53
C HIS A 148 -15.78 -4.78 13.29
N VAL A 149 -14.79 -5.64 13.16
CA VAL A 149 -13.94 -5.60 11.98
C VAL A 149 -14.39 -6.56 10.90
N ALA A 150 -15.22 -7.55 11.23
CA ALA A 150 -15.78 -8.39 10.19
C ALA A 150 -16.68 -7.60 9.27
N TYR A 151 -17.29 -6.53 9.78
CA TYR A 151 -18.16 -5.71 8.95
C TYR A 151 -17.41 -5.01 7.84
N LEU A 152 -16.09 -4.83 7.98
CA LEU A 152 -15.33 -4.28 6.86
C LEU A 152 -15.34 -5.21 5.66
N LEU A 153 -15.53 -6.51 5.90
CA LEU A 153 -15.66 -7.46 4.81
C LEU A 153 -16.93 -7.21 4.01
N LEU A 154 -18.00 -6.83 4.68
CA LEU A 154 -19.26 -6.59 3.97
C LEU A 154 -19.12 -5.45 2.99
N GLY A 155 -18.44 -4.37 3.38
CA GLY A 155 -18.25 -3.26 2.46
C GLY A 155 -17.41 -3.65 1.26
N ARG A 156 -16.34 -4.40 1.49
CA ARG A 156 -15.48 -4.82 0.39
C ARG A 156 -16.22 -5.78 -0.54
N ILE A 157 -17.08 -6.64 0.02
CA ILE A 157 -17.85 -7.54 -0.81
C ILE A 157 -18.88 -6.78 -1.63
N ILE A 158 -19.57 -5.82 -1.02
CA ILE A 158 -20.54 -5.03 -1.76
C ILE A 158 -19.86 -4.27 -2.89
N SER A 159 -18.69 -3.69 -2.62
CA SER A 159 -17.98 -3.00 -3.69
C SER A 159 -17.48 -3.96 -4.74
N GLY A 160 -17.14 -5.19 -4.34
CA GLY A 160 -16.67 -6.16 -5.31
C GLY A 160 -17.76 -6.57 -6.29
N LEU A 161 -19.00 -6.65 -5.83
CA LEU A 161 -20.09 -7.05 -6.70
C LEU A 161 -20.25 -6.08 -7.86
N LEU A 162 -20.15 -4.79 -7.59
CA LEU A 162 -20.25 -3.77 -8.62
C LEU A 162 -18.98 -3.63 -9.42
N GLY A 163 -18.02 -4.50 -9.22
CA GLY A 163 -16.73 -4.32 -9.86
C GLY A 163 -15.87 -3.45 -8.97
N ASP A 164 -14.72 -3.95 -8.58
CA ASP A 164 -13.86 -3.27 -7.64
C ASP A 164 -13.10 -2.17 -8.37
N TYR A 165 -12.04 -1.67 -7.74
CA TYR A 165 -11.14 -0.75 -8.44
C TYR A 165 -10.58 -1.38 -9.71
N ASN A 166 -10.51 -2.70 -9.78
CA ASN A 166 -10.00 -3.36 -10.97
C ASN A 166 -10.87 -3.06 -12.18
N LEU A 167 -12.18 -3.01 -12.00
CA LEU A 167 -13.07 -2.74 -13.13
C LEU A 167 -12.90 -1.31 -13.62
N ILE A 168 -12.61 -0.38 -12.71
CA ILE A 168 -12.28 0.99 -13.14
C ILE A 168 -11.06 0.96 -14.04
N LEU A 169 -10.03 0.22 -13.65
CA LEU A 169 -8.82 0.14 -14.44
C LEU A 169 -9.11 -0.46 -15.81
N ALA A 170 -9.86 -1.55 -15.85
CA ALA A 170 -10.18 -2.18 -17.11
C ALA A 170 -10.98 -1.25 -18.02
N GLY A 171 -11.98 -0.58 -17.47
CA GLY A 171 -12.79 0.31 -18.27
C GLY A 171 -11.98 1.47 -18.82
N CYS A 172 -11.13 2.07 -17.98
CA CYS A 172 -10.31 3.19 -18.45
C CYS A 172 -9.36 2.74 -19.54
N PHE A 173 -8.69 1.62 -19.35
CA PHE A 173 -7.72 1.17 -20.33
C PHE A 173 -8.40 0.82 -21.64
N ALA A 174 -9.55 0.14 -21.58
CA ALA A 174 -10.27 -0.15 -22.81
C ALA A 174 -10.72 1.12 -23.50
N SER A 175 -11.18 2.10 -22.72
CA SER A 175 -11.66 3.34 -23.31
C SER A 175 -10.56 4.08 -24.03
N VAL A 176 -9.34 4.02 -23.49
CA VAL A 176 -8.20 4.57 -24.22
C VAL A 176 -7.88 3.74 -25.45
N ALA A 177 -7.91 2.42 -25.32
CA ALA A 177 -7.55 1.56 -26.45
C ALA A 177 -8.58 1.65 -27.57
N ASP A 178 -9.74 2.23 -27.32
CA ASP A 178 -10.73 2.43 -28.37
C ASP A 178 -10.63 3.80 -29.02
N SER A 179 -9.67 4.63 -28.63
CA SER A 179 -9.51 5.96 -29.20
C SER A 179 -8.06 6.23 -29.54
N SER A 180 -7.39 5.26 -30.16
CA SER A 180 -5.99 5.44 -30.52
C SER A 180 -5.61 4.38 -31.56
N ASN A 181 -4.71 4.76 -32.46
CA ASN A 181 -4.32 3.90 -33.56
C ASN A 181 -3.52 2.72 -33.02
N GLN A 182 -2.95 1.93 -33.93
CA GLN A 182 -1.90 1.02 -33.53
C GLN A 182 -0.66 1.78 -33.12
N ARG A 183 -0.29 2.81 -33.87
CA ARG A 183 0.96 3.53 -33.64
C ARG A 183 0.85 4.59 -32.56
N THR A 184 -0.16 4.52 -31.70
CA THR A 184 -0.31 5.50 -30.65
C THR A 184 -0.69 4.89 -29.31
N ARG A 185 -1.10 3.61 -29.29
CA ARG A 185 -1.59 3.03 -28.05
C ARG A 185 -0.52 2.97 -26.98
N THR A 186 0.74 2.79 -27.36
CA THR A 186 1.81 2.79 -26.36
C THR A 186 1.84 4.11 -25.61
N PHE A 187 1.88 5.22 -26.34
CA PHE A 187 1.94 6.52 -25.68
C PHE A 187 0.66 6.82 -24.91
N ARG A 188 -0.49 6.47 -25.46
CA ARG A 188 -1.74 6.78 -24.77
C ARG A 188 -1.85 5.99 -23.46
N VAL A 189 -1.51 4.71 -23.49
CA VAL A 189 -1.51 3.92 -22.27
C VAL A 189 -0.48 4.47 -21.29
N ALA A 190 0.65 4.95 -21.79
CA ALA A 190 1.63 5.55 -20.90
C ALA A 190 1.08 6.79 -20.24
N ILE A 191 0.34 7.62 -20.98
CA ILE A 191 -0.25 8.81 -20.39
C ILE A 191 -1.21 8.43 -19.27
N LEU A 192 -2.04 7.43 -19.54
CA LEU A 192 -2.99 7.00 -18.52
C LEU A 192 -2.29 6.47 -17.28
N GLU A 193 -1.22 5.69 -17.46
CA GLU A 193 -0.56 5.15 -16.28
C GLU A 193 0.26 6.21 -15.57
N ALA A 194 0.69 7.25 -16.27
CA ALA A 194 1.31 8.38 -15.60
C ALA A 194 0.30 9.11 -14.72
N CYS A 195 -0.94 9.24 -15.19
CA CYS A 195 -1.99 9.80 -14.33
C CYS A 195 -2.21 8.91 -13.12
N LEU A 196 -2.20 7.60 -13.32
CA LEU A 196 -2.27 6.65 -12.21
C LEU A 196 -1.16 6.90 -11.19
N GLY A 197 0.07 7.03 -11.66
CA GLY A 197 1.19 7.23 -10.75
C GLY A 197 1.15 8.57 -10.04
N VAL A 198 0.72 9.61 -10.74
CA VAL A 198 0.58 10.91 -10.11
C VAL A 198 -0.46 10.87 -9.00
N ALA A 199 -1.58 10.20 -9.26
CA ALA A 199 -2.59 10.03 -8.22
C ALA A 199 -2.02 9.28 -7.03
N GLY A 200 -1.24 8.24 -7.29
CA GLY A 200 -0.63 7.51 -6.19
C GLY A 200 0.32 8.36 -5.38
N MET A 201 1.14 9.17 -6.05
CA MET A 201 2.09 10.02 -5.33
C MET A 201 1.36 11.04 -4.48
N VAL A 202 0.33 11.68 -5.04
CA VAL A 202 -0.44 12.63 -4.26
C VAL A 202 -1.06 11.95 -3.06
N ALA A 203 -1.63 10.76 -3.25
CA ALA A 203 -2.25 10.04 -2.15
C ALA A 203 -1.22 9.72 -1.06
N SER A 204 -0.05 9.23 -1.45
CA SER A 204 0.94 8.81 -0.47
C SER A 204 1.49 10.00 0.31
N VAL A 205 1.90 11.06 -0.41
CA VAL A 205 2.51 12.21 0.25
C VAL A 205 1.48 13.11 0.92
N GLY A 206 0.21 13.01 0.57
CA GLY A 206 -0.82 13.70 1.30
C GLY A 206 -1.26 12.92 2.50
N GLY A 207 -1.21 11.59 2.43
CA GLY A 207 -1.42 10.78 3.61
C GLY A 207 -0.31 10.95 4.63
N GLY A 208 0.93 11.01 4.16
CA GLY A 208 2.05 11.21 5.06
C GLY A 208 2.00 12.51 5.83
N GLN A 209 1.00 13.35 5.59
CA GLN A 209 0.82 14.57 6.34
C GLN A 209 -0.59 14.79 6.87
N TRP A 210 -1.58 14.08 6.33
CA TRP A 210 -2.92 14.17 6.87
C TRP A 210 -3.25 12.97 7.76
N ARG A 211 -2.91 11.76 7.31
CA ARG A 211 -3.07 10.59 8.16
C ARG A 211 -2.23 10.72 9.43
N LYS A 212 -0.98 11.16 9.28
CA LYS A 212 -0.09 11.27 10.43
C LYS A 212 -0.54 12.37 11.37
N ALA A 213 -0.86 13.54 10.83
CA ALA A 213 -1.18 14.71 11.64
C ALA A 213 -2.69 14.89 11.66
N GLU A 214 -3.29 14.66 12.83
CA GLU A 214 -4.72 14.90 13.03
C GLU A 214 -5.56 14.12 12.03
N GLY A 215 -5.27 12.84 11.89
CA GLY A 215 -5.89 12.04 10.86
C GLY A 215 -6.45 10.73 11.40
N TYR A 216 -6.52 9.75 10.48
CA TYR A 216 -7.05 8.40 10.62
C TYR A 216 -8.59 8.33 10.58
N ILE A 217 -9.32 9.43 10.70
CA ILE A 217 -10.76 9.36 10.51
C ILE A 217 -11.17 10.37 9.45
N ASN A 218 -10.89 11.64 9.72
CA ASN A 218 -11.21 12.70 8.77
C ASN A 218 -10.57 12.51 7.40
N PRO A 219 -9.32 12.06 7.26
CA PRO A 219 -8.78 11.84 5.92
C PRO A 219 -9.55 10.80 5.15
N PHE A 220 -10.40 10.03 5.79
CA PHE A 220 -11.21 9.07 5.07
C PHE A 220 -12.39 9.75 4.41
N TRP A 221 -12.72 10.97 4.83
CA TRP A 221 -13.74 11.74 4.13
C TRP A 221 -13.30 12.07 2.71
N LEU A 222 -11.99 12.22 2.49
CA LEU A 222 -11.51 12.49 1.15
C LEU A 222 -11.71 11.27 0.25
N VAL A 223 -11.69 10.07 0.81
CA VAL A 223 -11.96 8.89 0.01
C VAL A 223 -13.40 8.93 -0.51
N LEU A 224 -14.35 9.23 0.38
CA LEU A 224 -15.73 9.34 -0.05
C LEU A 224 -15.91 10.50 -1.01
N ALA A 225 -15.25 11.63 -0.74
CA ALA A 225 -15.31 12.75 -1.66
C ALA A 225 -14.71 12.41 -3.00
N ALA A 226 -13.58 11.71 -3.02
CA ALA A 226 -12.95 11.33 -4.28
C ALA A 226 -13.83 10.39 -5.06
N SER A 227 -14.43 9.39 -4.40
CA SER A 227 -15.28 8.44 -5.11
C SER A 227 -16.56 9.11 -5.63
N LEU A 228 -17.15 9.99 -4.82
CA LEU A 228 -18.32 10.73 -5.30
C LEU A 228 -17.97 11.59 -6.49
N ALA A 229 -16.81 12.26 -6.45
CA ALA A 229 -16.38 13.06 -7.58
C ALA A 229 -16.16 12.18 -8.81
N ALA A 230 -15.56 11.00 -8.61
CA ALA A 230 -15.32 10.11 -9.74
C ALA A 230 -16.62 9.68 -10.37
N ALA A 231 -17.60 9.28 -9.56
CA ALA A 231 -18.88 8.87 -10.12
C ALA A 231 -19.56 10.01 -10.84
N LEU A 232 -19.53 11.21 -10.26
CA LEU A 232 -20.19 12.35 -10.90
C LEU A 232 -19.51 12.71 -12.21
N TYR A 233 -18.19 12.67 -12.25
CA TYR A 233 -17.48 12.98 -13.48
C TYR A 233 -17.75 11.93 -14.54
N ALA A 234 -17.77 10.65 -14.15
CA ALA A 234 -18.03 9.60 -15.12
C ALA A 234 -19.44 9.72 -15.69
N ALA A 235 -20.42 10.01 -14.85
CA ALA A 235 -21.79 10.05 -15.34
C ALA A 235 -22.05 11.30 -16.17
N LEU A 236 -21.73 12.46 -15.61
CA LEU A 236 -22.23 13.72 -16.17
C LEU A 236 -21.16 14.52 -16.89
N CYS A 237 -19.92 14.04 -16.95
CA CYS A 237 -18.87 14.78 -17.63
C CYS A 237 -17.92 13.89 -18.42
N LEU A 238 -18.30 12.66 -18.73
CA LEU A 238 -17.45 11.77 -19.52
C LEU A 238 -18.08 11.53 -20.88
N GLN A 239 -17.23 11.41 -21.89
CA GLN A 239 -17.66 11.19 -23.27
C GLN A 239 -17.31 9.76 -23.67
N GLU A 240 -18.31 8.98 -24.04
CA GLU A 240 -18.13 7.56 -24.34
C GLU A 240 -17.26 7.38 -25.55
N THR A 241 -16.54 6.26 -25.59
CA THR A 241 -15.61 6.01 -26.69
C THR A 241 -16.04 4.92 -27.64
N VAL A 242 -16.99 4.07 -27.27
CA VAL A 242 -17.50 3.06 -28.18
C VAL A 242 -18.40 3.76 -29.19
N LYS A 243 -17.92 3.88 -30.43
CA LYS A 243 -18.63 4.65 -31.44
C LYS A 243 -19.90 3.95 -31.93
N GLN A 244 -20.08 2.67 -31.60
CA GLN A 244 -21.33 1.96 -31.89
C GLN A 244 -21.60 1.00 -30.73
N ARG A 245 -22.57 1.33 -29.89
CA ARG A 245 -22.90 0.54 -28.71
C ARG A 245 -24.14 -0.29 -29.02
N ARG A 246 -23.96 -1.59 -29.19
CA ARG A 246 -25.06 -2.47 -29.52
C ARG A 246 -25.94 -2.63 -28.29
N ALA A 247 -26.91 -3.54 -28.36
CA ALA A 247 -27.75 -3.89 -27.22
C ALA A 247 -27.44 -5.31 -26.81
N ALA A 248 -26.95 -5.49 -25.59
CA ALA A 248 -26.58 -6.81 -25.09
C ALA A 248 -27.09 -6.99 -23.68
N LYS A 249 -27.54 -8.20 -23.38
CA LYS A 249 -28.09 -8.50 -22.06
C LYS A 249 -26.97 -8.94 -21.13
N LEU A 250 -27.13 -8.60 -19.85
CA LEU A 250 -26.23 -9.06 -18.82
C LEU A 250 -26.75 -10.35 -18.21
N LEU A 251 -25.88 -11.06 -17.50
CA LEU A 251 -26.13 -12.42 -17.05
C LEU A 251 -26.36 -13.33 -18.25
N THR A 252 -25.45 -13.25 -19.21
CA THR A 252 -25.67 -13.87 -20.51
C THR A 252 -24.96 -15.18 -20.67
N LEU A 253 -23.83 -15.34 -19.96
CA LEU A 253 -22.82 -16.38 -20.07
C LEU A 253 -21.91 -16.16 -21.25
N GLN A 254 -22.19 -15.23 -22.14
CA GLN A 254 -21.32 -14.95 -23.26
C GLN A 254 -20.30 -13.89 -22.92
N HIS A 255 -20.24 -13.46 -21.67
CA HIS A 255 -19.14 -12.61 -21.22
C HIS A 255 -18.07 -13.42 -20.51
N TYR A 256 -18.41 -14.60 -20.02
CA TYR A 256 -17.39 -15.56 -19.58
C TYR A 256 -16.83 -16.33 -20.76
N LYS A 257 -17.69 -16.77 -21.67
CA LYS A 257 -17.20 -17.42 -22.88
C LYS A 257 -16.39 -16.47 -23.73
N ALA A 258 -16.52 -15.16 -23.52
CA ALA A 258 -15.84 -14.18 -24.34
C ALA A 258 -14.38 -14.01 -24.00
N VAL A 259 -13.88 -14.65 -22.94
CA VAL A 259 -12.45 -14.71 -22.70
C VAL A 259 -11.87 -16.09 -22.99
N TYR A 260 -12.65 -17.16 -22.80
CA TYR A 260 -12.22 -18.47 -23.26
C TYR A 260 -12.06 -18.47 -24.78
N LYS A 261 -13.07 -17.97 -25.49
CA LYS A 261 -12.90 -17.73 -26.93
C LYS A 261 -12.30 -16.37 -27.19
N LEU A 262 -11.28 -16.06 -26.45
CA LEU A 262 -10.29 -15.02 -26.65
C LEU A 262 -8.90 -15.57 -26.47
N TYR A 263 -8.73 -16.51 -25.56
CA TYR A 263 -7.42 -17.06 -25.28
C TYR A 263 -7.18 -18.42 -25.92
N THR A 264 -8.21 -19.23 -26.17
CA THR A 264 -7.96 -20.62 -26.53
C THR A 264 -8.19 -20.92 -28.01
N ALA A 265 -9.37 -20.66 -28.53
CA ALA A 265 -9.60 -21.02 -29.92
C ALA A 265 -9.12 -19.98 -30.93
N PRO A 266 -9.37 -18.68 -30.75
CA PRO A 266 -9.30 -17.75 -31.86
C PRO A 266 -7.86 -17.31 -32.14
N GLU A 267 -7.74 -16.39 -33.10
CA GLU A 267 -6.47 -15.73 -33.41
C GLU A 267 -5.47 -16.71 -34.05
N ASP A 268 -5.98 -17.55 -34.95
CA ASP A 268 -5.33 -18.81 -35.26
C ASP A 268 -3.94 -18.66 -35.87
N LEU A 269 -3.57 -17.48 -36.34
CA LEU A 269 -2.26 -17.31 -36.98
C LEU A 269 -1.13 -17.22 -35.95
N SER A 270 -1.14 -18.20 -35.04
CA SER A 270 -0.14 -18.36 -33.98
C SER A 270 0.01 -17.13 -33.12
N SER A 271 -1.00 -16.25 -33.09
CA SER A 271 -1.02 -15.10 -32.20
C SER A 271 -1.65 -15.44 -30.87
N ARG A 272 -1.82 -16.73 -30.58
CA ARG A 272 -2.34 -17.22 -29.32
C ARG A 272 -1.24 -17.42 -28.28
N ARG A 273 -0.06 -17.85 -28.73
CA ARG A 273 1.07 -18.00 -27.81
C ARG A 273 1.53 -16.66 -27.28
N LYS A 274 1.59 -15.65 -28.14
CA LYS A 274 2.07 -14.35 -27.71
C LYS A 274 1.20 -13.77 -26.61
N LEU A 275 -0.10 -14.03 -26.68
CA LEU A 275 -1.01 -13.55 -25.63
C LEU A 275 -0.66 -14.16 -24.28
N ALA A 276 -0.47 -15.47 -24.24
CA ALA A 276 -0.13 -16.12 -22.98
C ALA A 276 1.22 -15.66 -22.46
N LEU A 277 2.22 -15.58 -23.33
CA LEU A 277 3.54 -15.17 -22.88
C LEU A 277 3.54 -13.73 -22.37
N TYR A 278 2.87 -12.84 -23.08
CA TYR A 278 2.79 -11.46 -22.61
C TYR A 278 2.05 -11.38 -21.29
N SER A 279 0.99 -12.17 -21.14
CA SER A 279 0.25 -12.14 -19.88
C SER A 279 1.13 -12.60 -18.73
N LEU A 280 1.92 -13.65 -18.96
CA LEU A 280 2.83 -14.12 -17.92
C LEU A 280 3.87 -13.06 -17.57
N ALA A 281 4.43 -12.40 -18.58
CA ALA A 281 5.42 -11.36 -18.33
C ALA A 281 4.81 -10.22 -17.53
N PHE A 282 3.59 -9.82 -17.89
CA PHE A 282 2.91 -8.75 -17.16
C PHE A 282 2.64 -9.18 -15.72
N PHE A 283 2.24 -10.43 -15.53
CA PHE A 283 2.02 -10.95 -14.19
C PHE A 283 3.27 -10.79 -13.35
N LEU A 284 4.40 -11.28 -13.85
CA LEU A 284 5.64 -11.21 -13.08
C LEU A 284 6.03 -9.76 -12.80
N LEU A 285 5.91 -8.91 -13.82
CA LEU A 285 6.34 -7.52 -13.67
C LEU A 285 5.55 -6.82 -12.59
N VAL A 286 4.22 -6.88 -12.65
CA VAL A 286 3.47 -6.11 -11.68
C VAL A 286 3.50 -6.78 -10.32
N THR A 287 3.70 -8.10 -10.26
CA THR A 287 3.93 -8.73 -8.96
C THR A 287 5.15 -8.14 -8.29
N VAL A 288 6.25 -8.03 -9.03
CA VAL A 288 7.46 -7.49 -8.43
C VAL A 288 7.26 -6.03 -8.03
N HIS A 289 6.63 -5.24 -8.89
CA HIS A 289 6.39 -3.83 -8.53
C HIS A 289 5.63 -3.73 -7.22
N PHE A 290 4.54 -4.49 -7.11
CA PHE A 290 3.68 -4.40 -5.94
C PHE A 290 4.40 -4.84 -4.68
N GLY A 291 5.19 -5.92 -4.76
CA GLY A 291 5.93 -6.34 -3.59
C GLY A 291 7.00 -5.34 -3.18
N THR A 292 7.71 -4.79 -4.15
CA THR A 292 8.83 -3.94 -3.82
C THR A 292 8.38 -2.60 -3.27
N LYS A 293 7.18 -2.13 -3.62
CA LYS A 293 6.70 -0.89 -2.99
C LYS A 293 6.52 -1.08 -1.48
N ASP A 294 5.86 -2.16 -1.10
CA ASP A 294 5.65 -2.44 0.32
C ASP A 294 6.96 -2.59 1.04
N LEU A 295 7.90 -3.33 0.44
CA LEU A 295 9.16 -3.53 1.11
C LEU A 295 9.98 -2.25 1.14
N TYR A 296 9.81 -1.35 0.17
CA TYR A 296 10.40 -0.03 0.28
C TYR A 296 9.98 0.63 1.58
N VAL A 297 8.67 0.79 1.74
CA VAL A 297 8.21 1.58 2.89
C VAL A 297 8.61 0.92 4.20
N LEU A 298 8.64 -0.41 4.24
CA LEU A 298 8.91 -1.10 5.49
C LEU A 298 10.40 -1.36 5.71
N TYR A 299 11.24 -1.12 4.71
CA TYR A 299 12.67 -1.40 4.78
C TYR A 299 13.51 -0.13 4.86
N GLU A 300 12.98 0.99 4.41
CA GLU A 300 13.67 2.27 4.56
C GLU A 300 14.10 2.50 6.00
N LEU A 301 13.20 2.22 6.95
CA LEU A 301 13.43 2.45 8.37
C LEU A 301 13.99 1.22 9.09
N GLY A 302 15.03 0.65 8.53
CA GLY A 302 15.64 -0.55 9.06
C GLY A 302 16.77 -0.28 10.01
N SER A 303 17.68 -1.24 10.10
CA SER A 303 18.77 -1.20 11.06
C SER A 303 19.93 -0.32 10.62
N PRO A 304 20.43 -0.44 9.37
CA PRO A 304 21.56 0.42 8.98
C PRO A 304 21.14 1.75 8.39
N LEU A 305 19.89 1.87 7.96
CA LEU A 305 19.43 3.13 7.39
C LEU A 305 18.84 4.03 8.47
N CYS A 306 17.77 3.58 9.13
CA CYS A 306 17.13 4.33 10.21
C CYS A 306 16.73 5.73 9.73
N TRP A 307 15.78 5.76 8.80
CA TRP A 307 15.39 7.02 8.19
C TRP A 307 14.36 7.75 9.03
N ALA A 308 14.43 9.08 8.98
CA ALA A 308 13.54 9.92 9.75
C ALA A 308 12.15 9.91 9.09
N SER A 309 11.26 10.76 9.57
CA SER A 309 9.91 10.80 9.03
C SER A 309 9.87 11.52 7.69
N ASP A 310 10.69 12.56 7.52
CA ASP A 310 10.67 13.29 6.25
C ASP A 310 11.37 12.51 5.16
N LEU A 311 12.51 11.88 5.47
CA LEU A 311 13.22 11.11 4.46
C LEU A 311 12.35 10.01 3.89
N ILE A 312 11.45 9.44 4.69
CA ILE A 312 10.54 8.44 4.17
C ILE A 312 9.57 9.07 3.17
N GLY A 313 9.11 10.28 3.46
CA GLY A 313 8.26 10.97 2.49
C GLY A 313 9.00 11.26 1.20
N TYR A 314 10.26 11.66 1.29
CA TYR A 314 11.07 11.86 0.09
C TYR A 314 11.22 10.56 -0.67
N GLY A 315 11.42 9.46 0.05
CA GLY A 315 11.54 8.17 -0.62
C GLY A 315 10.27 7.78 -1.34
N SER A 316 9.12 7.97 -0.71
CA SER A 316 7.86 7.64 -1.37
C SER A 316 7.64 8.52 -2.59
N ALA A 317 7.93 9.81 -2.47
CA ALA A 317 7.77 10.71 -3.61
C ALA A 317 8.69 10.31 -4.77
N ALA A 318 9.94 9.97 -4.47
CA ALA A 318 10.84 9.55 -5.52
C ALA A 318 10.46 8.19 -6.09
N SER A 319 9.84 7.34 -5.29
CA SER A 319 9.36 6.07 -5.81
C SER A 319 8.22 6.27 -6.79
N TYR A 320 7.30 7.17 -6.48
CA TYR A 320 6.15 7.44 -7.33
C TYR A 320 6.43 8.46 -8.41
N LEU A 321 7.59 9.10 -8.39
CA LEU A 321 7.97 10.03 -9.43
C LEU A 321 8.57 9.33 -10.63
N ALA A 322 8.89 8.04 -10.50
CA ALA A 322 9.30 7.26 -11.67
C ALA A 322 8.17 7.08 -12.66
N TYR A 323 6.92 7.14 -12.22
CA TYR A 323 5.79 7.02 -13.15
C TYR A 323 5.83 8.13 -14.18
N LEU A 324 5.92 9.38 -13.74
CA LEU A 324 5.86 10.52 -14.64
C LEU A 324 7.22 10.87 -15.22
N SER A 325 8.29 10.21 -14.78
CA SER A 325 9.59 10.43 -15.39
C SER A 325 9.98 9.32 -16.36
N SER A 326 9.35 8.15 -16.26
CA SER A 326 9.50 7.14 -17.29
C SER A 326 8.67 7.47 -18.52
N LEU A 327 7.58 8.21 -18.35
CA LEU A 327 6.77 8.61 -19.50
C LEU A 327 7.56 9.49 -20.46
N GLY A 328 8.32 10.44 -19.91
CA GLY A 328 9.09 11.30 -20.78
C GLY A 328 10.10 10.54 -21.62
N GLY A 329 10.77 9.58 -21.01
CA GLY A 329 11.68 8.73 -21.77
C GLY A 329 10.94 7.86 -22.77
N LEU A 330 9.84 7.26 -22.33
CA LEU A 330 9.07 6.39 -23.20
C LEU A 330 8.71 7.10 -24.49
N ARG A 331 8.17 8.30 -24.38
CA ARG A 331 7.91 9.08 -25.58
C ARG A 331 9.20 9.47 -26.27
N LEU A 332 10.28 9.70 -25.53
CA LEU A 332 11.52 10.10 -26.17
C LEU A 332 12.24 8.91 -26.78
N LEU A 333 12.18 7.75 -26.12
CA LEU A 333 12.89 6.59 -26.65
C LEU A 333 12.25 6.05 -27.92
N GLN A 334 10.93 6.19 -28.05
CA GLN A 334 10.24 5.59 -29.18
C GLN A 334 10.76 6.10 -30.50
N LEU A 335 11.33 7.30 -30.53
CA LEU A 335 11.80 7.87 -31.78
C LEU A 335 12.97 7.09 -32.38
N CYS A 336 13.66 6.27 -31.59
CA CYS A 336 14.82 5.56 -32.09
C CYS A 336 14.71 4.05 -31.96
N LEU A 337 14.14 3.54 -30.87
CA LEU A 337 13.99 2.11 -30.69
C LEU A 337 12.52 1.73 -30.76
N GLU A 338 12.28 0.48 -31.15
CA GLU A 338 10.94 -0.02 -31.33
C GLU A 338 10.20 -0.07 -30.00
N ASP A 339 8.94 -0.46 -30.04
CA ASP A 339 8.17 -0.43 -28.81
C ASP A 339 8.53 -1.54 -27.85
N THR A 340 9.26 -2.57 -28.29
CA THR A 340 9.70 -3.61 -27.36
C THR A 340 10.97 -3.22 -26.62
N TRP A 341 12.03 -2.90 -27.37
CA TRP A 341 13.31 -2.62 -26.73
C TRP A 341 13.20 -1.49 -25.75
N VAL A 342 12.24 -0.60 -25.91
CA VAL A 342 12.00 0.41 -24.90
C VAL A 342 11.65 -0.26 -23.59
N ALA A 343 10.79 -1.27 -23.63
CA ALA A 343 10.46 -1.97 -22.40
C ALA A 343 11.62 -2.83 -21.93
N GLU A 344 12.48 -3.30 -22.83
CA GLU A 344 13.67 -4.01 -22.39
C GLU A 344 14.57 -3.10 -21.57
N ILE A 345 14.78 -1.88 -22.03
CA ILE A 345 15.59 -0.94 -21.27
C ILE A 345 14.89 -0.58 -19.97
N GLY A 346 13.56 -0.49 -19.99
CA GLY A 346 12.85 -0.25 -18.74
C GLY A 346 13.06 -1.36 -17.73
N LEU A 347 13.04 -2.60 -18.18
CA LEU A 347 13.30 -3.73 -17.30
C LEU A 347 14.74 -3.73 -16.81
N ILE A 348 15.68 -3.34 -17.66
CA ILE A 348 17.07 -3.23 -17.23
C ILE A 348 17.20 -2.17 -16.16
N SER A 349 16.46 -1.07 -16.30
CA SER A 349 16.52 -0.03 -15.28
C SER A 349 15.91 -0.50 -13.97
N ASN A 350 14.80 -1.23 -14.01
CA ASN A 350 14.30 -1.84 -12.78
C ASN A 350 15.32 -2.77 -12.15
N ILE A 351 15.97 -3.60 -12.95
CA ILE A 351 16.93 -4.55 -12.41
C ILE A 351 18.08 -3.82 -11.74
N ALA A 352 18.63 -2.81 -12.42
CA ALA A 352 19.72 -2.06 -11.84
C ALA A 352 19.29 -1.35 -10.57
N GLY A 353 18.10 -0.77 -10.57
CA GLY A 353 17.64 -0.07 -9.39
C GLY A 353 17.45 -0.98 -8.20
N LEU A 354 16.86 -2.16 -8.43
CA LEU A 354 16.65 -3.09 -7.32
C LEU A 354 17.95 -3.67 -6.82
N VAL A 355 18.89 -3.94 -7.72
CA VAL A 355 20.18 -4.45 -7.27
C VAL A 355 20.90 -3.41 -6.42
N VAL A 356 20.88 -2.15 -6.85
CA VAL A 356 21.58 -1.13 -6.08
C VAL A 356 20.80 -0.68 -4.85
N ILE A 357 19.51 -1.02 -4.77
CA ILE A 357 18.79 -0.78 -3.52
C ILE A 357 19.06 -1.88 -2.52
N SER A 358 19.08 -3.13 -2.97
CA SER A 358 19.30 -4.24 -2.04
C SER A 358 20.67 -4.20 -1.39
N LEU A 359 21.63 -3.52 -2.00
CA LEU A 359 22.94 -3.32 -1.41
C LEU A 359 23.07 -1.95 -0.75
N ALA A 360 21.99 -1.18 -0.70
CA ALA A 360 22.05 0.18 -0.17
C ALA A 360 22.12 0.11 1.34
N THR A 361 23.34 0.05 1.86
CA THR A 361 23.56 0.08 3.30
C THR A 361 23.71 1.49 3.82
N THR A 362 23.38 2.50 3.02
CA THR A 362 23.52 3.88 3.43
C THR A 362 22.55 4.73 2.61
N THR A 363 22.26 5.93 3.10
CA THR A 363 21.21 6.70 2.47
C THR A 363 21.57 7.31 1.11
N PRO A 364 22.82 7.72 0.85
CA PRO A 364 23.14 8.07 -0.54
C PRO A 364 22.91 6.91 -1.49
N LEU A 365 23.24 5.69 -1.07
CA LEU A 365 23.02 4.52 -1.91
C LEU A 365 21.54 4.25 -2.12
N MET A 366 20.72 4.41 -1.09
CA MET A 366 19.29 4.19 -1.27
C MET A 366 18.70 5.21 -2.23
N PHE A 367 19.11 6.47 -2.11
CA PHE A 367 18.55 7.47 -3.01
C PHE A 367 19.06 7.31 -4.43
N THR A 368 20.31 6.90 -4.60
CA THR A 368 20.77 6.52 -5.93
C THR A 368 19.94 5.37 -6.48
N GLY A 369 19.59 4.41 -5.63
CA GLY A 369 18.76 3.32 -6.07
C GLY A 369 17.41 3.78 -6.58
N TYR A 370 16.79 4.71 -5.88
CA TYR A 370 15.55 5.31 -6.40
C TYR A 370 15.81 6.03 -7.70
N GLY A 371 16.96 6.69 -7.82
CA GLY A 371 17.23 7.51 -8.99
C GLY A 371 17.41 6.69 -10.25
N ILE A 372 18.06 5.53 -10.15
CA ILE A 372 18.31 4.71 -11.33
C ILE A 372 17.01 4.16 -11.90
N MET A 373 16.02 3.95 -11.05
CA MET A 373 14.73 3.46 -11.49
C MET A 373 13.87 4.59 -12.04
N PHE A 374 14.38 5.37 -12.99
CA PHE A 374 13.58 6.45 -13.55
C PHE A 374 12.88 6.03 -14.84
N LEU A 375 13.49 5.14 -15.63
CA LEU A 375 12.79 4.42 -16.68
C LEU A 375 12.19 3.14 -16.16
N SER A 376 11.86 3.10 -14.88
CA SER A 376 11.47 1.85 -14.23
C SER A 376 10.12 1.36 -14.71
N MET A 377 9.08 2.17 -14.58
CA MET A 377 7.73 1.78 -14.96
C MET A 377 7.38 2.22 -16.39
N ALA A 378 8.36 2.17 -17.29
CA ALA A 378 8.10 2.34 -18.70
C ALA A 378 7.85 1.01 -19.41
N ALA A 379 7.90 -0.10 -18.66
CA ALA A 379 7.75 -1.44 -19.29
C ALA A 379 6.27 -1.87 -19.27
N THR A 380 5.61 -1.78 -18.11
CA THR A 380 4.19 -2.20 -17.97
C THR A 380 3.30 -1.55 -19.06
N PRO A 381 3.32 -0.22 -19.28
CA PRO A 381 2.56 0.40 -20.36
C PRO A 381 2.77 -0.35 -21.69
N VAL A 382 4.03 -0.53 -22.09
CA VAL A 382 4.34 -1.25 -23.36
C VAL A 382 3.63 -2.61 -23.36
N ILE A 383 3.77 -3.40 -22.29
CA ILE A 383 3.19 -4.78 -22.27
C ILE A 383 1.69 -4.72 -22.57
N ARG A 384 0.91 -3.95 -21.79
CA ARG A 384 -0.56 -3.94 -21.97
C ARG A 384 -0.92 -3.33 -23.33
N ALA A 385 -0.15 -2.35 -23.81
CA ALA A 385 -0.40 -1.74 -25.14
C ALA A 385 -0.25 -2.81 -26.22
N LYS A 386 0.78 -3.65 -26.13
CA LYS A 386 0.99 -4.74 -27.13
C LYS A 386 -0.11 -5.79 -26.97
N LEU A 387 -0.55 -6.04 -25.74
CA LEU A 387 -1.66 -7.00 -25.53
C LEU A 387 -2.89 -6.46 -26.27
N SER A 388 -3.11 -5.14 -26.22
CA SER A 388 -4.27 -4.52 -26.90
C SER A 388 -4.08 -4.61 -28.41
N LYS A 389 -2.83 -4.43 -28.88
CA LYS A 389 -2.63 -4.41 -30.36
C LYS A 389 -2.88 -5.80 -30.95
N LEU A 390 -3.00 -6.84 -30.11
CA LEU A 390 -3.17 -8.18 -30.63
C LEU A 390 -4.63 -8.59 -30.78
N VAL A 391 -5.49 -8.17 -29.87
CA VAL A 391 -6.90 -8.53 -29.91
C VAL A 391 -7.60 -7.64 -30.92
N SER A 392 -8.77 -8.10 -31.37
CA SER A 392 -9.53 -7.31 -32.33
C SER A 392 -9.99 -6.01 -31.69
N GLU A 393 -10.54 -5.12 -32.52
CA GLU A 393 -10.94 -3.81 -32.04
C GLU A 393 -12.15 -3.85 -31.13
N THR A 394 -12.90 -4.94 -31.13
CA THR A 394 -14.13 -5.06 -30.35
C THR A 394 -13.96 -5.94 -29.12
N GLU A 395 -12.72 -6.26 -28.73
CA GLU A 395 -12.50 -7.15 -27.61
C GLU A 395 -11.58 -6.56 -26.55
N GLN A 396 -11.31 -5.26 -26.60
CA GLN A 396 -10.48 -4.66 -25.56
C GLN A 396 -11.13 -4.78 -24.20
N GLY A 397 -12.46 -4.78 -24.15
CA GLY A 397 -13.13 -4.98 -22.88
C GLY A 397 -12.76 -6.31 -22.26
N ALA A 398 -12.84 -7.38 -23.04
CA ALA A 398 -12.51 -8.70 -22.53
C ALA A 398 -11.03 -8.78 -22.17
N LEU A 399 -10.18 -8.24 -23.02
CA LEU A 399 -8.74 -8.32 -22.78
C LEU A 399 -8.38 -7.63 -21.48
N PHE A 400 -8.89 -6.42 -21.26
CA PHE A 400 -8.51 -5.72 -20.05
C PHE A 400 -9.27 -6.19 -18.83
N ALA A 401 -10.40 -6.87 -19.00
CA ALA A 401 -10.99 -7.57 -17.86
C ALA A 401 -10.08 -8.68 -17.38
N SER A 402 -9.56 -9.49 -18.31
CA SER A 402 -8.63 -10.54 -17.92
C SER A 402 -7.36 -9.95 -17.32
N VAL A 403 -6.86 -8.86 -17.90
CA VAL A 403 -5.64 -8.23 -17.38
C VAL A 403 -5.88 -7.67 -15.98
N ALA A 404 -7.07 -7.12 -15.74
CA ALA A 404 -7.38 -6.61 -14.40
C ALA A 404 -7.44 -7.75 -13.39
N CYS A 405 -8.02 -8.89 -13.78
CA CYS A 405 -7.99 -10.05 -12.89
C CYS A 405 -6.56 -10.48 -12.59
N VAL A 406 -5.71 -10.51 -13.61
CA VAL A 406 -4.32 -10.88 -13.42
C VAL A 406 -3.64 -9.90 -12.46
N GLU A 407 -3.95 -8.60 -12.60
CA GLU A 407 -3.35 -7.60 -11.73
C GLU A 407 -3.79 -7.76 -10.28
N GLY A 408 -5.06 -8.09 -10.05
CA GLY A 408 -5.50 -8.35 -8.69
C GLY A 408 -4.80 -9.56 -8.08
N LEU A 409 -4.69 -10.63 -8.85
CA LEU A 409 -3.97 -11.80 -8.35
C LEU A 409 -2.51 -11.48 -8.08
N CYS A 410 -1.92 -10.62 -8.91
CA CYS A 410 -0.54 -10.17 -8.68
C CYS A 410 -0.44 -9.41 -7.37
N SER A 411 -1.40 -8.54 -7.10
CA SER A 411 -1.42 -7.84 -5.82
C SER A 411 -1.38 -8.84 -4.66
N LEU A 412 -2.29 -9.81 -4.69
CA LEU A 412 -2.36 -10.77 -3.59
C LEU A 412 -1.05 -11.53 -3.42
N VAL A 413 -0.55 -12.10 -4.51
CA VAL A 413 0.64 -12.94 -4.44
C VAL A 413 1.86 -12.11 -4.04
N ALA A 414 1.98 -10.90 -4.58
CA ALA A 414 3.10 -10.04 -4.22
C ALA A 414 3.10 -9.76 -2.73
N THR A 415 1.96 -9.33 -2.19
CA THR A 415 1.90 -9.07 -0.76
C THR A 415 2.32 -10.30 0.03
N GLY A 416 1.70 -11.45 -0.26
CA GLY A 416 2.01 -12.64 0.49
C GLY A 416 3.48 -13.02 0.43
N VAL A 417 4.00 -13.16 -0.80
CA VAL A 417 5.37 -13.65 -0.97
C VAL A 417 6.37 -12.69 -0.36
N PHE A 418 6.23 -11.39 -0.63
CA PHE A 418 7.27 -10.47 -0.19
C PHE A 418 7.20 -10.20 1.30
N ASN A 419 6.00 -10.05 1.87
CA ASN A 419 5.92 -9.89 3.31
C ASN A 419 6.29 -11.15 4.06
N SER A 420 6.23 -12.32 3.41
CA SER A 420 6.73 -13.51 4.07
C SER A 420 8.23 -13.67 3.90
N LEU A 421 8.77 -13.16 2.79
CA LEU A 421 10.19 -13.27 2.52
C LEU A 421 11.02 -12.32 3.37
N TYR A 422 10.56 -11.09 3.55
CA TYR A 422 11.41 -10.10 4.19
C TYR A 422 11.84 -10.49 5.61
N PRO A 423 10.96 -10.90 6.51
CA PRO A 423 11.43 -11.28 7.85
C PRO A 423 12.40 -12.45 7.85
N SER A 424 12.29 -13.36 6.89
CA SER A 424 13.17 -14.53 6.89
C SER A 424 14.60 -14.14 6.54
N THR A 425 14.77 -13.36 5.48
CA THR A 425 16.08 -12.83 5.12
C THR A 425 16.24 -11.43 5.72
N LEU A 426 16.38 -11.42 7.02
CA LEU A 426 16.55 -10.19 7.78
C LEU A 426 17.81 -10.21 8.62
N HIS A 427 18.12 -11.33 9.25
CA HIS A 427 19.38 -11.49 9.95
C HIS A 427 20.39 -12.30 9.15
N PHE A 428 20.04 -12.71 7.93
CA PHE A 428 20.97 -13.39 7.04
C PHE A 428 21.55 -12.46 5.99
N MET A 429 20.71 -11.84 5.16
CA MET A 429 21.20 -10.81 4.25
C MET A 429 20.04 -9.87 3.94
N ARG A 430 19.94 -8.79 4.69
CA ARG A 430 18.84 -7.85 4.54
C ARG A 430 18.85 -7.24 3.15
N GLY A 431 17.70 -7.22 2.50
CA GLY A 431 17.63 -6.78 1.11
C GLY A 431 17.55 -7.90 0.11
N PHE A 432 17.63 -9.15 0.54
CA PHE A 432 17.36 -10.25 -0.37
C PHE A 432 15.97 -10.19 -0.99
N PRO A 433 14.95 -9.60 -0.37
CA PRO A 433 13.71 -9.42 -1.13
C PRO A 433 13.89 -8.63 -2.40
N PHE A 434 14.65 -7.55 -2.35
CA PHE A 434 14.91 -6.77 -3.55
C PHE A 434 15.80 -7.54 -4.52
N LEU A 435 16.80 -8.26 -3.99
CA LEU A 435 17.64 -9.05 -4.89
C LEU A 435 16.83 -10.09 -5.63
N PHE A 436 15.93 -10.77 -4.92
CA PHE A 436 15.12 -11.81 -5.55
C PHE A 436 14.08 -11.21 -6.48
N GLY A 437 13.56 -10.04 -6.16
CA GLY A 437 12.71 -9.34 -7.12
C GLY A 437 13.46 -9.02 -8.40
N ALA A 438 14.72 -8.59 -8.28
CA ALA A 438 15.51 -8.31 -9.46
C ALA A 438 15.84 -9.58 -10.23
N ILE A 439 15.99 -10.71 -9.55
CA ILE A 439 16.17 -11.97 -10.26
C ILE A 439 14.89 -12.37 -10.97
N LEU A 440 13.73 -11.98 -10.44
CA LEU A 440 12.48 -12.31 -11.09
C LEU A 440 12.36 -11.63 -12.45
N LEU A 441 12.75 -10.36 -12.55
CA LEU A 441 12.64 -9.66 -13.81
C LEU A 441 13.60 -10.14 -14.87
N LEU A 442 14.46 -11.11 -14.57
CA LEU A 442 15.19 -11.71 -15.67
C LEU A 442 14.28 -12.54 -16.56
N ILE A 443 13.09 -12.91 -16.07
CA ILE A 443 12.16 -13.70 -16.87
C ILE A 443 11.33 -12.81 -17.80
N PRO A 444 10.69 -11.73 -17.34
CA PRO A 444 9.97 -10.88 -18.30
C PRO A 444 10.86 -10.32 -19.39
N ALA A 445 12.08 -9.92 -19.06
CA ALA A 445 12.96 -9.39 -20.09
C ALA A 445 13.27 -10.45 -21.13
N ALA A 446 13.57 -11.66 -20.67
CA ALA A 446 13.87 -12.73 -21.62
C ALA A 446 12.66 -13.05 -22.47
N ILE A 447 11.47 -13.06 -21.86
CA ILE A 447 10.25 -13.40 -22.60
C ILE A 447 9.99 -12.38 -23.70
N MET A 448 10.01 -11.10 -23.33
CA MET A 448 9.73 -10.07 -24.31
C MET A 448 10.77 -10.03 -25.40
N GLY A 449 12.04 -10.18 -25.04
CA GLY A 449 13.08 -10.21 -26.05
C GLY A 449 12.96 -11.39 -26.98
N TRP A 450 12.58 -12.55 -26.44
CA TRP A 450 12.44 -13.73 -27.28
C TRP A 450 11.28 -13.55 -28.25
N ILE A 451 10.18 -12.97 -27.78
CA ILE A 451 9.05 -12.68 -28.67
C ILE A 451 9.47 -11.72 -29.76
N GLU A 452 10.09 -10.60 -29.39
CA GLU A 452 10.43 -9.60 -30.39
C GLU A 452 11.46 -10.13 -31.38
N ILE A 453 12.44 -10.89 -30.91
CA ILE A 453 13.42 -11.47 -31.81
C ILE A 453 12.74 -12.43 -32.76
N GLN A 454 11.73 -13.15 -32.27
CA GLN A 454 11.15 -14.20 -33.09
C GLN A 454 10.23 -13.64 -34.18
N ASP A 455 9.58 -12.51 -33.93
CA ASP A 455 8.77 -11.90 -34.98
C ASP A 455 9.61 -11.56 -36.20
N SER A 456 10.75 -10.91 -35.96
CA SER A 456 11.60 -10.39 -37.03
C SER A 456 12.24 -11.48 -37.88
N ASN A 457 12.15 -12.72 -37.45
CA ASN A 457 12.66 -13.84 -38.24
C ASN A 457 11.59 -14.92 -38.42
N VAL B 5 17.62 13.17 17.91
CA VAL B 5 16.51 12.82 18.79
C VAL B 5 17.01 12.06 20.00
N GLN B 6 16.49 12.42 21.17
CA GLN B 6 16.87 11.74 22.40
C GLN B 6 15.77 11.96 23.43
N LEU B 7 15.49 10.92 24.20
CA LEU B 7 14.56 10.97 25.32
C LEU B 7 15.30 10.45 26.54
N VAL B 8 15.31 11.22 27.61
CA VAL B 8 16.02 10.84 28.83
C VAL B 8 15.04 10.85 29.99
N GLU B 9 15.11 9.82 30.83
CA GLU B 9 14.14 9.60 31.89
C GLU B 9 14.85 9.60 33.23
N SER B 10 14.23 10.20 34.24
CA SER B 10 14.84 10.12 35.57
C SER B 10 13.75 10.18 36.64
N GLY B 11 13.26 9.02 37.04
CA GLY B 11 12.46 8.95 38.24
C GLY B 11 12.59 7.66 39.00
N GLY B 12 13.50 6.78 38.58
CA GLY B 12 13.58 5.44 39.11
C GLY B 12 14.16 5.39 40.50
N GLY B 13 14.64 4.21 40.87
CA GLY B 13 15.37 4.02 42.10
C GLY B 13 14.74 2.99 43.02
N LEU B 14 15.37 2.83 44.17
CA LEU B 14 14.94 1.90 45.21
C LEU B 14 13.84 2.57 46.01
N VAL B 15 12.60 2.20 45.75
CA VAL B 15 11.47 2.72 46.48
C VAL B 15 10.76 1.56 47.15
N GLN B 16 10.11 1.84 48.27
CA GLN B 16 9.48 0.79 49.04
C GLN B 16 8.20 0.32 48.33
N PRO B 17 7.66 -0.84 48.72
CA PRO B 17 6.37 -1.28 48.15
C PRO B 17 5.23 -0.43 48.65
N GLY B 18 4.55 0.24 47.73
CA GLY B 18 3.57 1.25 48.08
C GLY B 18 4.02 2.69 47.93
N GLY B 19 5.24 2.92 47.44
CA GLY B 19 5.73 4.26 47.22
C GLY B 19 5.06 4.90 46.03
N SER B 20 5.61 6.04 45.62
CA SER B 20 4.94 6.90 44.65
C SER B 20 5.92 7.37 43.58
N LEU B 21 6.64 6.43 42.97
CA LEU B 21 7.64 6.82 41.98
C LEU B 21 7.01 7.63 40.86
N ARG B 22 7.74 8.65 40.42
CA ARG B 22 7.26 9.64 39.46
C ARG B 22 8.30 9.76 38.36
N LEU B 23 8.04 9.15 37.21
CA LEU B 23 8.97 9.20 36.10
C LEU B 23 8.73 10.43 35.26
N SER B 24 9.81 11.01 34.74
CA SER B 24 9.77 12.11 33.78
C SER B 24 10.47 11.66 32.52
N CYS B 25 10.04 12.16 31.37
CA CYS B 25 10.63 11.79 30.08
C CYS B 25 11.00 13.07 29.37
N ALA B 26 12.16 13.63 29.69
CA ALA B 26 12.55 14.97 29.24
C ALA B 26 12.97 14.90 27.78
N ALA B 27 11.99 14.96 26.89
CA ALA B 27 12.22 14.75 25.47
C ALA B 27 12.61 16.04 24.76
N SER B 28 13.33 15.88 23.65
CA SER B 28 13.70 16.98 22.77
C SER B 28 14.29 16.39 21.50
N GLY B 29 14.67 17.27 20.59
CA GLY B 29 15.11 16.88 19.27
C GLY B 29 14.00 16.81 18.25
N PHE B 30 12.75 16.96 18.68
CA PHE B 30 11.61 16.96 17.77
C PHE B 30 10.50 17.79 18.40
N THR B 31 9.33 17.77 17.75
CA THR B 31 8.28 18.73 18.09
C THR B 31 7.61 18.40 19.41
N PHE B 32 7.26 17.14 19.62
CA PHE B 32 6.68 16.63 20.86
C PHE B 32 5.26 17.12 21.06
N SER B 33 4.81 18.07 20.25
CA SER B 33 3.41 18.45 20.28
C SER B 33 2.58 17.69 19.27
N ARG B 34 3.24 16.93 18.40
CA ARG B 34 2.57 16.14 17.38
C ARG B 34 2.84 14.65 17.54
N TYR B 35 3.35 14.24 18.69
CA TYR B 35 3.81 12.86 18.88
C TYR B 35 3.00 12.19 19.96
N TRP B 36 2.54 10.97 19.68
CA TRP B 36 1.96 10.14 20.71
C TRP B 36 3.03 9.69 21.68
N MET B 37 2.65 9.51 22.93
CA MET B 37 3.61 9.17 23.96
C MET B 37 3.16 7.90 24.66
N TYR B 38 4.07 6.95 24.83
CA TYR B 38 3.77 5.65 25.40
C TYR B 38 4.58 5.44 26.66
N TRP B 39 4.42 4.26 27.24
CA TRP B 39 5.26 3.82 28.34
C TRP B 39 5.28 2.31 28.28
N VAL B 40 6.38 1.70 28.69
CA VAL B 40 6.58 0.27 28.53
C VAL B 40 7.67 -0.15 29.49
N ARG B 41 7.66 -1.42 29.88
CA ARG B 41 8.68 -1.92 30.78
C ARG B 41 9.09 -3.33 30.39
N GLN B 42 10.33 -3.68 30.68
CA GLN B 42 10.86 -5.03 30.44
C GLN B 42 11.20 -5.63 31.79
N ALA B 43 10.24 -6.34 32.38
CA ALA B 43 10.41 -6.93 33.69
C ALA B 43 11.64 -7.83 33.71
N PRO B 44 12.13 -8.21 34.89
CA PRO B 44 13.35 -9.03 34.94
C PRO B 44 13.17 -10.37 34.24
N GLY B 45 13.91 -10.54 33.14
CA GLY B 45 13.89 -11.77 32.37
C GLY B 45 12.68 -11.97 31.50
N LYS B 46 11.97 -10.91 31.14
CA LYS B 46 10.72 -11.04 30.40
C LYS B 46 10.66 -10.03 29.27
N GLY B 47 9.48 -9.85 28.68
CA GLY B 47 9.34 -9.01 27.51
C GLY B 47 8.58 -7.73 27.77
N PRO B 48 8.42 -6.91 26.73
CA PRO B 48 7.79 -5.61 26.89
C PRO B 48 6.35 -5.74 27.38
N GLU B 49 5.92 -4.75 28.16
CA GLU B 49 4.68 -4.83 28.90
C GLU B 49 3.91 -3.53 28.79
N TRP B 50 3.73 -3.03 27.56
CA TRP B 50 3.20 -1.70 27.30
C TRP B 50 2.15 -1.28 28.30
N LEU B 51 2.34 -0.09 28.89
CA LEU B 51 1.52 0.35 30.01
C LEU B 51 0.41 1.31 29.60
N SER B 52 0.75 2.42 28.95
CA SER B 52 -0.21 3.49 28.72
C SER B 52 0.15 4.18 27.41
N HIS B 53 -0.72 5.08 26.98
CA HIS B 53 -0.38 5.93 25.86
C HIS B 53 -1.35 7.10 25.79
N MET B 54 -0.93 8.16 25.11
CA MET B 54 -1.65 9.42 25.14
C MET B 54 -1.48 10.19 23.84
N ASN B 55 -2.59 10.63 23.27
CA ASN B 55 -2.59 11.29 21.98
C ASN B 55 -1.98 12.68 22.11
N PRO B 56 -1.55 13.27 20.99
CA PRO B 56 -0.83 14.55 21.05
C PRO B 56 -1.49 15.62 21.90
N SER B 57 -2.79 15.49 22.15
CA SER B 57 -3.50 16.50 22.93
C SER B 57 -3.55 16.15 24.41
N GLY B 58 -3.97 14.93 24.74
CA GLY B 58 -4.24 14.59 26.11
C GLY B 58 -5.68 14.15 26.29
N SER B 59 -6.26 13.58 25.24
CA SER B 59 -7.63 13.14 25.26
C SER B 59 -7.79 11.64 25.11
N ASP B 60 -6.93 10.98 24.35
CA ASP B 60 -7.02 9.55 24.11
C ASP B 60 -6.02 8.81 25.00
N ILE B 61 -6.34 8.75 26.29
CA ILE B 61 -5.52 8.06 27.27
C ILE B 61 -6.06 6.66 27.43
N LYS B 62 -5.21 5.67 27.20
CA LYS B 62 -5.56 4.27 27.37
C LYS B 62 -4.55 3.62 28.30
N TYR B 63 -4.98 2.62 29.04
CA TYR B 63 -4.12 1.90 29.97
C TYR B 63 -4.14 0.41 29.66
N THR B 64 -3.51 -0.36 30.55
CA THR B 64 -3.70 -1.80 30.61
C THR B 64 -4.26 -2.17 31.98
N ASP B 65 -5.12 -3.18 32.00
CA ASP B 65 -5.86 -3.48 33.21
C ASP B 65 -4.97 -3.96 34.34
N SER B 66 -3.71 -4.30 34.06
CA SER B 66 -2.78 -4.59 35.14
C SER B 66 -2.40 -3.33 35.92
N VAL B 67 -2.50 -2.17 35.28
CA VAL B 67 -2.09 -0.90 35.88
C VAL B 67 -3.22 0.11 35.86
N LYS B 68 -4.45 -0.31 35.60
CA LYS B 68 -5.57 0.61 35.58
C LYS B 68 -5.80 1.16 36.98
N GLY B 69 -6.08 2.47 37.07
CA GLY B 69 -6.36 3.08 38.34
C GLY B 69 -5.19 3.17 39.28
N ARG B 70 -3.99 2.88 38.80
CA ARG B 70 -2.78 2.96 39.59
C ARG B 70 -1.65 3.69 38.90
N PHE B 71 -1.66 3.78 37.58
CA PHE B 71 -0.70 4.56 36.83
C PHE B 71 -1.43 5.69 36.10
N THR B 72 -0.87 6.90 36.16
CA THR B 72 -1.55 8.10 35.72
C THR B 72 -0.64 8.90 34.79
N ILE B 73 -0.71 8.62 33.49
CA ILE B 73 0.12 9.31 32.52
C ILE B 73 -0.29 10.78 32.44
N SER B 74 0.63 11.61 31.94
CA SER B 74 0.41 13.04 31.78
C SER B 74 1.49 13.59 30.86
N ARG B 75 1.25 14.78 30.31
CA ARG B 75 2.29 15.46 29.53
C ARG B 75 2.12 16.97 29.65
N ASP B 76 3.22 17.69 29.57
CA ASP B 76 3.23 19.15 29.62
C ASP B 76 4.06 19.65 28.44
N ASN B 77 3.38 20.12 27.39
CA ASN B 77 4.03 20.42 26.13
C ASN B 77 4.84 21.70 26.15
N ALA B 78 4.49 22.65 27.01
CA ALA B 78 5.31 23.86 27.11
C ALA B 78 6.65 23.59 27.77
N LYS B 79 6.79 22.43 28.42
CA LYS B 79 8.07 22.00 29.00
C LYS B 79 8.65 20.78 28.32
N ASN B 80 7.83 20.02 27.59
CA ASN B 80 8.27 18.81 26.89
C ASN B 80 8.76 17.75 27.86
N THR B 81 7.87 17.37 28.79
CA THR B 81 8.10 16.25 29.70
C THR B 81 6.85 15.39 29.76
N LEU B 82 7.02 14.09 29.65
CA LEU B 82 5.95 13.12 29.81
C LEU B 82 6.09 12.44 31.16
N TYR B 83 5.03 12.43 31.95
CA TYR B 83 5.07 11.84 33.27
C TYR B 83 4.39 10.47 33.27
N LEU B 84 4.61 9.72 34.33
CA LEU B 84 3.74 8.61 34.68
C LEU B 84 3.94 8.33 36.17
N GLN B 85 3.04 8.85 36.99
CA GLN B 85 3.18 8.59 38.40
C GLN B 85 2.69 7.18 38.71
N MET B 86 3.21 6.62 39.79
CA MET B 86 3.00 5.22 40.15
C MET B 86 2.59 5.14 41.62
N ASN B 87 1.29 5.21 41.89
CA ASN B 87 0.89 5.00 43.26
C ASN B 87 0.94 3.51 43.61
N SER B 88 0.99 3.23 44.90
CA SER B 88 0.85 1.85 45.41
C SER B 88 1.67 0.87 44.57
N LEU B 89 2.99 1.00 44.66
CA LEU B 89 3.88 0.14 43.89
C LEU B 89 3.98 -1.22 44.54
N LYS B 90 4.23 -2.24 43.72
CA LYS B 90 4.26 -3.64 44.13
C LYS B 90 5.57 -4.28 43.69
N PRO B 91 6.01 -5.33 44.39
CA PRO B 91 7.27 -5.99 44.00
C PRO B 91 7.25 -6.61 42.62
N ASP B 92 6.08 -6.87 42.05
CA ASP B 92 5.99 -7.35 40.67
C ASP B 92 6.22 -6.26 39.65
N ASP B 93 6.41 -5.01 40.09
CA ASP B 93 6.53 -3.86 39.20
C ASP B 93 7.96 -3.56 38.75
N THR B 94 8.96 -4.02 39.49
CA THR B 94 10.34 -3.69 39.19
C THR B 94 10.67 -4.04 37.74
N ALA B 95 11.24 -3.10 37.02
CA ALA B 95 11.49 -3.28 35.60
C ALA B 95 12.34 -2.11 35.12
N VAL B 96 12.58 -2.04 33.82
CA VAL B 96 13.26 -0.93 33.18
C VAL B 96 12.23 -0.23 32.31
N TYR B 97 11.76 0.93 32.76
CA TYR B 97 10.64 1.61 32.10
C TYR B 97 11.16 2.49 30.98
N TYR B 98 10.66 2.24 29.78
CA TYR B 98 11.05 3.04 28.62
C TYR B 98 9.94 4.00 28.26
N CYS B 99 10.25 4.96 27.39
CA CYS B 99 9.35 6.04 27.03
C CYS B 99 9.38 6.19 25.52
N VAL B 100 8.42 5.60 24.84
CA VAL B 100 8.38 5.58 23.39
C VAL B 100 7.71 6.86 22.90
N ALA B 101 7.82 7.12 21.59
CA ALA B 101 7.28 8.35 21.01
C ALA B 101 6.98 8.08 19.55
N ASP B 102 5.71 7.85 19.23
CA ASP B 102 5.30 7.49 17.88
C ASP B 102 4.36 8.55 17.33
N ARG B 103 4.22 8.55 16.01
CA ARG B 103 3.25 9.41 15.34
C ARG B 103 1.91 8.72 15.12
N ARG B 104 1.75 7.49 15.59
CA ARG B 104 0.53 6.71 15.39
C ARG B 104 0.24 6.60 13.89
N ALA B 105 1.21 6.04 13.17
CA ALA B 105 1.07 5.82 11.74
C ALA B 105 2.05 4.76 11.33
N LEU B 106 1.77 4.11 10.19
CA LEU B 106 2.59 2.99 9.78
C LEU B 106 3.95 3.42 9.22
N GLY B 107 3.97 4.46 8.40
CA GLY B 107 5.22 4.90 7.82
C GLY B 107 5.94 5.92 8.66
N SER B 108 5.86 5.76 9.99
CA SER B 108 6.53 6.66 10.90
C SER B 108 7.36 5.87 11.90
N PRO B 109 8.52 6.38 12.28
CA PRO B 109 9.38 5.65 13.21
C PRO B 109 9.00 5.94 14.65
N GLU B 110 9.34 5.00 15.52
CA GLU B 110 9.14 5.16 16.95
C GLU B 110 10.48 5.33 17.62
N TYR B 111 10.53 6.20 18.62
CA TYR B 111 11.79 6.64 19.22
C TYR B 111 11.85 6.17 20.65
N TRP B 112 12.40 4.98 20.86
CA TRP B 112 12.51 4.43 22.20
C TRP B 112 13.47 5.26 23.04
N GLY B 113 13.08 5.54 24.27
CA GLY B 113 13.97 6.23 25.17
C GLY B 113 14.97 5.28 25.80
N GLN B 114 15.92 5.86 26.53
CA GLN B 114 16.95 5.05 27.16
C GLN B 114 16.37 4.20 28.28
N GLY B 115 15.41 4.74 29.04
CA GLY B 115 14.74 3.95 30.05
C GLY B 115 15.50 3.83 31.34
N THR B 116 14.84 4.03 32.47
CA THR B 116 15.48 3.99 33.77
C THR B 116 15.05 2.77 34.55
N GLN B 117 15.82 2.45 35.58
CA GLN B 117 15.63 1.27 36.41
C GLN B 117 14.80 1.64 37.63
N VAL B 118 13.66 0.98 37.78
CA VAL B 118 12.84 1.05 38.98
C VAL B 118 13.03 -0.26 39.74
N THR B 119 13.33 -0.18 41.02
CA THR B 119 13.76 -1.37 41.76
C THR B 119 12.90 -1.58 42.99
N VAL B 120 11.57 -1.60 42.80
CA VAL B 120 10.62 -1.62 43.91
C VAL B 120 10.96 -2.70 44.91
N SER B 121 11.27 -2.28 46.14
CA SER B 121 11.48 -3.20 47.25
C SER B 121 11.78 -2.41 48.51
C1 LYA C . -1.58 -0.10 -5.68
C2 LYA C . -0.67 -0.53 -4.72
C3 LYA C . -0.84 -1.77 -4.12
C4 LYA C . -1.91 -2.56 -4.46
C5 LYA C . -2.82 -2.14 -5.43
C6 LYA C . -2.65 -0.91 -6.02
C7 LYA C . -1.38 1.26 -6.32
C8 LYA C . -2.46 1.57 -7.34
C9 LYA C . -2.24 0.79 -8.62
C10 LYA C . -3.37 0.12 -9.00
N11 LYA C . -3.11 -0.54 -10.14
C12 LYA C . -1.81 -0.28 -10.48
C13 LYA C . -1.27 0.52 -9.56
C14 LYA C . 0.04 0.92 -9.68
O15 LYA C . 0.51 1.64 -8.87
N16 LYA C . 0.76 0.51 -10.71
C17 LYA C . 0.21 -0.31 -11.63
N18 LYA C . -1.07 -0.71 -11.52
N19 LYA C . 1.19 -0.64 -12.65
C20 LYA C . -2.08 -3.93 -3.80
O21 LYA C . -1.25 -4.76 -3.98
N22 LYA C . -3.23 -4.24 -2.94
C23 LYA C . -4.25 -3.25 -2.66
C24 LYA C . -5.53 -3.89 -2.15
C25 LYA C . -6.74 -3.29 -2.87
C26 LYA C . -7.89 -3.03 -1.89
O27 LYA C . -7.85 -3.55 -0.74
O28 LYA C . -8.86 -2.31 -2.21
C29 LYA C . -3.63 -2.38 -1.58
O30 LYA C . -3.42 -2.89 -0.45
O31 LYA C . -3.31 -1.20 -1.83
#